data_5J74
#
_entry.id   5J74
#
_cell.length_a   79.448
_cell.length_b   114.830
_cell.length_c   130.995
_cell.angle_alpha   90.00
_cell.angle_beta   90.00
_cell.angle_gamma   90.00
#
_symmetry.space_group_name_H-M   'I 2 2 2'
#
loop_
_entity.id
_entity.type
_entity.pdbx_description
1 polymer 'scFv AM2.2'
2 non-polymer 'PHOSPHATE ION'
3 non-polymer 1-(17-amino-5,8-dioxo-12,15-dioxa-4,9-diazaheptadecan-1-yl)-4-{[3-(3-sulfopropyl)-1,3-benzothiazol-3-ium-2-yl]methyl}quinolin-1-ium
4 water water
#
_entity_poly.entity_id   1
_entity_poly.type   'polypeptide(L)'
_entity_poly.pdbx_seq_one_letter_code
;QVQLVESEAEVKKPGSSVKVSCKASGGTFSSYAISWVRQAPGQGLEWMGGTIPIFGTADYAQEFQGRVTITTDESTSTAY
MELSGLRSEDTAVYYCVLLGTTMVTGHYFDYWGQGTLVTVSSGILGSGGGGSGGGGSGGGGSNFMLTQPPSASGTPGQSV
TISCSGSGSNIGNNKVNWYQQLPGTAPKLLIYSNNQRPSGVPDRFSGSKSGTSASLAISGLQSEDEADYYCAAWDDGLSG
YVFGTGTKLTVLAASGADHHHHHH
;
_entity_poly.pdbx_strand_id   A,B
#
# COMPACT_ATOMS: atom_id res chain seq x y z
N VAL A 2 12.75 18.89 25.98
CA VAL A 2 13.11 18.46 24.59
C VAL A 2 12.25 19.19 23.55
N GLN A 3 12.89 19.91 22.62
CA GLN A 3 12.25 20.99 21.87
C GLN A 3 12.59 21.04 20.39
N LEU A 4 11.56 21.00 19.54
CA LEU A 4 11.74 21.01 18.09
C LEU A 4 11.26 22.29 17.40
N VAL A 5 12.08 22.76 16.47
CA VAL A 5 11.79 23.97 15.73
C VAL A 5 12.12 23.69 14.28
N GLU A 6 11.10 23.67 13.44
CA GLU A 6 11.30 23.46 12.02
C GLU A 6 11.30 24.78 11.30
N SER A 7 11.75 24.76 10.05
CA SER A 7 11.86 25.97 9.27
C SER A 7 10.45 26.48 8.97
N GLU A 8 10.35 27.79 8.75
CA GLU A 8 9.07 28.47 8.51
C GLU A 8 8.45 27.98 7.19
N ALA A 9 7.12 28.14 7.07
CA ALA A 9 6.38 27.75 5.87
C ALA A 9 6.99 28.30 4.57
N GLU A 10 6.96 27.52 3.49
CA GLU A 10 7.63 27.89 2.24
C GLU A 10 6.77 27.60 1.01
N VAL A 11 6.47 28.65 0.24
CA VAL A 11 5.97 28.49 -1.13
C VAL A 11 7.15 28.29 -2.08
N LYS A 12 6.98 27.41 -3.07
CA LYS A 12 8.06 26.99 -3.95
C LYS A 12 7.59 26.75 -5.37
N LYS A 13 8.51 26.90 -6.31
CA LYS A 13 8.21 26.77 -7.74
C LYS A 13 8.24 25.28 -8.10
N PRO A 14 7.34 24.82 -8.99
CA PRO A 14 7.50 23.50 -9.60
C PRO A 14 8.89 23.30 -10.20
N GLY A 15 9.38 22.06 -10.18
CA GLY A 15 10.72 21.72 -10.68
C GLY A 15 11.89 21.99 -9.72
N SER A 16 11.73 22.87 -8.72
CA SER A 16 12.85 23.26 -7.83
C SER A 16 13.07 22.23 -6.72
N SER A 17 13.83 22.59 -5.69
CA SER A 17 14.00 21.73 -4.53
C SER A 17 13.99 22.54 -3.23
N VAL A 18 13.57 21.88 -2.15
CA VAL A 18 13.41 22.53 -0.83
C VAL A 18 14.21 21.76 0.22
N LYS A 19 14.83 22.51 1.14
CA LYS A 19 15.51 21.96 2.31
C LYS A 19 14.74 22.43 3.51
N VAL A 20 14.13 21.48 4.21
CA VAL A 20 13.49 21.75 5.49
C VAL A 20 14.54 21.42 6.53
N SER A 21 14.62 22.23 7.57
CA SER A 21 15.49 21.97 8.70
C SER A 21 14.62 21.73 9.91
N CYS A 22 15.16 21.02 10.90
CA CYS A 22 14.63 21.14 12.26
C CYS A 22 15.73 21.07 13.30
N LYS A 23 15.63 21.93 14.30
CA LYS A 23 16.63 22.06 15.35
C LYS A 23 16.02 21.49 16.61
N ALA A 24 16.79 20.64 17.30
CA ALA A 24 16.36 20.03 18.56
C ALA A 24 17.23 20.54 19.71
N SER A 25 16.58 20.85 20.84
CA SER A 25 17.21 21.39 22.05
C SER A 25 16.85 20.57 23.29
N GLY A 26 17.71 20.64 24.30
CA GLY A 26 17.45 20.05 25.62
C GLY A 26 17.36 18.54 25.68
N GLY A 27 18.20 17.86 24.91
CA GLY A 27 18.41 16.42 25.06
C GLY A 27 19.78 15.98 24.55
N THR A 28 20.00 14.67 24.46
CA THR A 28 21.20 14.16 23.80
C THR A 28 20.89 13.89 22.31
N PHE A 29 21.19 14.89 21.49
CA PHE A 29 20.89 14.86 20.06
C PHE A 29 21.43 13.62 19.32
N SER A 30 22.67 13.25 19.68
CA SER A 30 23.39 12.13 19.09
C SER A 30 22.80 10.75 19.38
N SER A 31 22.04 10.67 20.48
CA SER A 31 21.32 9.45 20.84
C SER A 31 19.93 9.29 20.18
N TYR A 32 19.48 10.28 19.39
CA TYR A 32 18.18 10.21 18.73
C TYR A 32 18.32 9.71 17.30
N ALA A 33 17.27 9.02 16.85
CA ALA A 33 17.02 8.82 15.42
C ALA A 33 16.07 9.95 15.00
N ILE A 34 16.39 10.62 13.92
CA ILE A 34 15.50 11.62 13.36
C ILE A 34 14.85 10.98 12.15
N SER A 35 13.51 10.98 12.13
CA SER A 35 12.75 10.54 10.96
C SER A 35 11.96 11.70 10.36
N TRP A 36 11.56 11.55 9.09
CA TRP A 36 10.77 12.58 8.40
C TRP A 36 9.51 11.97 7.83
N VAL A 37 8.37 12.61 8.15
CA VAL A 37 7.05 12.12 7.77
C VAL A 37 6.25 13.30 7.19
N ARG A 38 5.55 13.08 6.08
CA ARG A 38 4.73 14.15 5.52
C ARG A 38 3.24 13.80 5.44
N GLN A 39 2.45 14.85 5.29
CA GLN A 39 1.00 14.74 5.30
C GLN A 39 0.44 15.80 4.37
N ALA A 40 -0.11 15.36 3.24
CA ALA A 40 -0.83 16.27 2.36
C ALA A 40 -2.11 16.71 3.05
N PRO A 41 -2.56 17.97 2.80
CA PRO A 41 -3.76 18.47 3.49
C PRO A 41 -4.97 17.54 3.31
N GLY A 42 -5.64 17.23 4.41
CA GLY A 42 -6.82 16.34 4.42
C GLY A 42 -6.52 14.85 4.32
N GLN A 43 -5.26 14.46 4.33
CA GLN A 43 -4.85 13.08 4.00
C GLN A 43 -3.98 12.47 5.09
N GLY A 44 -3.48 11.27 4.84
CA GLY A 44 -2.72 10.52 5.83
C GLY A 44 -1.23 10.80 5.85
N LEU A 45 -0.56 9.95 6.63
CA LEU A 45 0.84 10.11 6.95
C LEU A 45 1.70 9.22 6.04
N GLU A 46 2.86 9.75 5.64
CA GLU A 46 3.76 9.03 4.75
C GLU A 46 5.21 9.24 5.17
N TRP A 47 5.84 8.15 5.62
CA TRP A 47 7.24 8.12 6.00
C TRP A 47 8.13 8.30 4.78
N MET A 48 9.05 9.26 4.86
CA MET A 48 9.99 9.53 3.79
C MET A 48 11.31 8.84 4.07
N GLY A 49 11.75 8.88 5.33
CA GLY A 49 13.04 8.35 5.69
C GLY A 49 13.54 8.84 7.05
N GLY A 50 14.74 8.42 7.41
CA GLY A 50 15.34 8.85 8.66
C GLY A 50 16.80 8.45 8.81
N THR A 51 17.42 9.01 9.83
CA THR A 51 18.79 8.66 10.21
C THR A 51 18.72 7.81 11.44
N ILE A 52 19.76 7.02 11.68
CA ILE A 52 19.88 6.25 12.91
C ILE A 52 21.15 6.64 13.67
N PRO A 53 21.09 6.65 15.01
CA PRO A 53 22.24 7.15 15.79
C PRO A 53 23.42 6.18 15.77
N ILE A 54 24.56 6.65 16.25
CA ILE A 54 25.83 5.91 16.27
C ILE A 54 26.38 5.81 14.87
N PHE A 55 25.65 5.14 13.99
CA PHE A 55 26.10 4.86 12.64
C PHE A 55 25.96 6.08 11.72
N GLY A 56 24.97 6.91 12.01
CA GLY A 56 24.73 8.12 11.26
C GLY A 56 24.22 7.91 9.85
N THR A 57 23.71 6.71 9.57
CA THR A 57 23.34 6.32 8.21
C THR A 57 21.88 6.66 8.00
N ALA A 58 21.58 7.12 6.79
CA ALA A 58 20.24 7.52 6.38
C ALA A 58 19.59 6.41 5.61
N ASP A 59 18.26 6.36 5.64
CA ASP A 59 17.51 5.39 4.84
C ASP A 59 16.20 6.00 4.37
N TYR A 60 15.65 5.45 3.28
CA TYR A 60 14.62 6.16 2.49
C TYR A 60 13.49 5.25 2.04
N ALA A 61 12.28 5.78 2.06
CA ALA A 61 11.12 5.11 1.49
C ALA A 61 11.30 5.06 -0.03
N GLN A 62 10.96 3.93 -0.64
CA GLN A 62 11.31 3.67 -2.06
C GLN A 62 10.66 4.62 -3.07
N GLU A 63 9.47 5.16 -2.76
CA GLU A 63 8.82 6.21 -3.61
C GLU A 63 9.65 7.49 -3.71
N PHE A 64 10.50 7.71 -2.73
CA PHE A 64 11.33 8.91 -2.64
C PHE A 64 12.81 8.72 -2.98
N GLN A 65 13.22 7.48 -3.26
CA GLN A 65 14.59 7.24 -3.69
C GLN A 65 14.87 7.94 -5.03
N GLY A 66 16.02 8.61 -5.06
CA GLY A 66 16.33 9.63 -6.04
C GLY A 66 16.12 11.00 -5.41
N ARG A 67 14.90 11.27 -4.98
CA ARG A 67 14.44 12.64 -4.76
C ARG A 67 14.75 13.24 -3.38
N VAL A 68 15.16 12.42 -2.41
CA VAL A 68 15.32 12.88 -1.02
C VAL A 68 16.73 12.64 -0.48
N THR A 69 17.23 13.65 0.23
CA THR A 69 18.51 13.59 0.92
C THR A 69 18.29 14.09 2.34
N ILE A 70 18.46 13.18 3.30
CA ILE A 70 18.34 13.49 4.72
C ILE A 70 19.76 13.60 5.22
N THR A 71 19.99 14.56 6.12
CA THR A 71 21.34 14.86 6.61
C THR A 71 21.25 15.48 8.00
N THR A 72 22.23 15.19 8.86
CA THR A 72 22.19 15.62 10.26
C THR A 72 23.49 16.32 10.67
N ASP A 73 23.36 17.52 11.26
CA ASP A 73 24.52 18.29 11.71
C ASP A 73 24.59 18.21 13.24
N GLU A 74 25.48 17.35 13.74
CA GLU A 74 25.65 17.13 15.17
C GLU A 74 26.12 18.39 15.88
N SER A 75 27.00 19.14 15.23
CA SER A 75 27.43 20.45 15.74
C SER A 75 26.24 21.33 16.17
N THR A 76 25.30 21.59 15.24
CA THR A 76 24.16 22.48 15.51
C THR A 76 22.91 21.82 16.09
N SER A 77 22.98 20.53 16.40
CA SER A 77 21.83 19.74 16.80
C SER A 77 20.63 19.95 15.85
N THR A 78 20.89 19.80 14.55
CA THR A 78 19.96 20.15 13.49
C THR A 78 19.93 19.12 12.35
N ALA A 79 18.76 18.53 12.12
CA ALA A 79 18.53 17.66 10.96
C ALA A 79 18.00 18.45 9.76
N TYR A 80 18.31 17.95 8.56
CA TYR A 80 17.90 18.56 7.30
C TYR A 80 17.30 17.52 6.35
N MET A 81 16.23 17.91 5.68
CA MET A 81 15.57 17.07 4.70
C MET A 81 15.45 17.88 3.41
N GLU A 82 16.03 17.36 2.34
CA GLU A 82 15.95 18.01 1.04
C GLU A 82 15.19 17.13 0.07
N LEU A 83 14.10 17.64 -0.52
CA LEU A 83 13.45 16.92 -1.62
C LEU A 83 13.42 17.80 -2.87
N SER A 84 13.74 17.16 -4.00
CA SER A 84 13.93 17.82 -5.29
C SER A 84 12.90 17.36 -6.30
N GLY A 85 12.83 18.09 -7.40
CA GLY A 85 11.90 17.80 -8.49
C GLY A 85 10.45 18.02 -8.10
N LEU A 86 10.18 19.15 -7.42
CA LEU A 86 8.87 19.37 -6.79
C LEU A 86 7.74 19.38 -7.80
N ARG A 87 6.70 18.59 -7.50
CA ARG A 87 5.46 18.55 -8.22
C ARG A 87 4.39 19.15 -7.28
N SER A 88 3.16 19.34 -7.75
CA SER A 88 2.04 19.76 -6.89
C SER A 88 1.68 18.67 -5.87
N GLU A 89 1.79 17.41 -6.28
CA GLU A 89 1.63 16.24 -5.40
C GLU A 89 2.44 16.35 -4.08
N ASP A 90 3.60 17.01 -4.14
CA ASP A 90 4.47 17.19 -2.97
C ASP A 90 4.03 18.28 -1.98
N THR A 91 2.91 18.95 -2.25
CA THR A 91 2.37 19.91 -1.30
C THR A 91 1.91 19.15 -0.06
N ALA A 92 2.50 19.50 1.08
CA ALA A 92 2.24 18.80 2.34
C ALA A 92 2.86 19.53 3.53
N VAL A 93 2.42 19.15 4.72
CA VAL A 93 3.13 19.51 5.94
C VAL A 93 4.20 18.45 6.18
N TYR A 94 5.44 18.90 6.37
CA TYR A 94 6.62 18.04 6.47
C TYR A 94 7.08 18.00 7.92
N TYR A 95 6.84 16.87 8.57
CA TYR A 95 7.14 16.69 9.99
C TYR A 95 8.51 16.06 10.20
N CYS A 96 9.31 16.63 11.10
CA CYS A 96 10.49 15.96 11.63
C CYS A 96 10.06 15.31 12.95
N VAL A 97 10.59 14.13 13.21
CA VAL A 97 10.20 13.30 14.36
C VAL A 97 11.45 12.79 15.07
N LEU A 98 11.60 13.12 16.36
CA LEU A 98 12.61 12.49 17.20
C LEU A 98 12.08 11.16 17.66
N LEU A 99 12.93 10.15 17.55
CA LEU A 99 12.69 8.83 18.13
C LEU A 99 13.84 8.61 19.11
N GLY A 100 13.54 8.10 20.29
CA GLY A 100 14.60 7.74 21.20
C GLY A 100 14.19 6.82 22.31
N THR A 101 15.07 6.70 23.30
CA THR A 101 14.80 5.97 24.53
C THR A 101 14.93 6.95 25.69
N THR A 102 14.15 6.75 26.72
CA THR A 102 14.16 7.63 27.89
C THR A 102 15.43 7.45 28.72
N MET A 103 15.76 8.50 29.49
CA MET A 103 17.03 8.54 30.20
C MET A 103 17.13 7.46 31.26
N VAL A 104 16.15 7.38 32.16
CA VAL A 104 16.22 6.48 33.31
C VAL A 104 15.83 5.04 32.96
N THR A 105 14.56 4.83 32.65
CA THR A 105 14.04 3.49 32.37
C THR A 105 14.38 2.94 31.01
N GLY A 106 14.73 3.82 30.06
CA GLY A 106 15.15 3.36 28.76
C GLY A 106 14.05 2.87 27.85
N HIS A 107 12.78 3.24 28.05
CA HIS A 107 11.71 2.79 27.12
C HIS A 107 11.61 3.73 25.94
N TYR A 108 10.92 3.29 24.89
CA TYR A 108 10.79 4.07 23.65
C TYR A 108 10.00 5.37 23.84
N PHE A 109 10.37 6.38 23.06
CA PHE A 109 9.57 7.59 22.92
C PHE A 109 9.77 8.22 21.55
N ASP A 110 8.98 9.26 21.30
CA ASP A 110 8.59 9.68 19.99
C ASP A 110 8.08 11.12 20.18
N TYR A 111 8.74 12.10 19.58
CA TYR A 111 8.31 13.51 19.70
C TYR A 111 8.23 14.13 18.30
N TRP A 112 7.06 14.65 17.93
CA TRP A 112 6.85 15.20 16.57
C TRP A 112 6.96 16.71 16.56
N GLY A 113 7.67 17.25 15.59
CA GLY A 113 7.70 18.68 15.35
C GLY A 113 6.35 19.14 14.83
N GLN A 114 6.11 20.44 14.81
CA GLN A 114 4.78 20.90 14.42
C GLN A 114 4.61 21.00 12.90
N GLY A 115 5.68 20.87 12.13
CA GLY A 115 5.59 20.70 10.70
C GLY A 115 5.81 21.99 9.94
N THR A 116 6.40 21.86 8.75
CA THR A 116 6.64 22.95 7.81
C THR A 116 5.75 22.72 6.60
N LEU A 117 4.79 23.62 6.39
CA LEU A 117 3.95 23.55 5.20
C LEU A 117 4.77 23.99 4.01
N VAL A 118 4.84 23.12 3.01
CA VAL A 118 5.51 23.41 1.75
C VAL A 118 4.47 23.33 0.64
N THR A 119 4.23 24.47 -0.04
CA THR A 119 3.26 24.53 -1.13
C THR A 119 3.99 24.69 -2.47
N VAL A 120 3.30 24.29 -3.54
CA VAL A 120 3.87 24.26 -4.87
C VAL A 120 2.79 24.79 -5.82
N ASN A 143 2.70 4.51 -1.76
CA ASN A 143 1.59 4.87 -0.86
C ASN A 143 0.88 3.71 -0.10
N PHE A 144 1.53 2.54 0.12
CA PHE A 144 0.94 1.43 0.91
C PHE A 144 0.64 1.85 2.37
N MET A 145 -0.50 1.35 2.89
CA MET A 145 -1.01 1.71 4.21
C MET A 145 -1.69 0.51 4.89
N LEU A 146 -1.69 0.49 6.21
CA LEU A 146 -2.44 -0.51 6.97
C LEU A 146 -3.92 -0.14 6.92
N THR A 147 -4.79 -1.11 7.10
CA THR A 147 -6.21 -0.87 6.94
C THR A 147 -6.83 -0.49 8.27
N GLN A 148 -7.55 0.63 8.26
CA GLN A 148 -8.36 1.04 9.41
C GLN A 148 -9.74 1.46 8.91
N PRO A 149 -10.78 1.26 9.73
CA PRO A 149 -12.06 1.83 9.32
C PRO A 149 -12.01 3.36 9.28
N PRO A 150 -12.65 3.96 8.27
CA PRO A 150 -12.54 5.41 8.12
C PRO A 150 -13.05 6.21 9.31
N SER A 151 -14.08 5.69 10.00
CA SER A 151 -14.78 6.44 11.02
C SER A 151 -15.18 5.61 12.24
N ALA A 152 -15.50 6.33 13.30
CA ALA A 152 -15.96 5.77 14.57
C ALA A 152 -16.59 6.89 15.38
N SER A 153 -17.54 6.57 16.25
CA SER A 153 -18.17 7.60 17.05
C SER A 153 -18.72 7.07 18.36
N GLY A 154 -19.02 8.00 19.27
CA GLY A 154 -19.56 7.66 20.57
C GLY A 154 -19.97 8.92 21.28
N THR A 155 -20.83 8.77 22.28
CA THR A 155 -21.16 9.86 23.19
C THR A 155 -20.20 9.81 24.35
N PRO A 156 -20.01 10.92 25.06
CA PRO A 156 -19.06 10.86 26.18
C PRO A 156 -19.43 9.79 27.20
N GLY A 157 -18.40 9.15 27.74
CA GLY A 157 -18.57 8.02 28.64
C GLY A 157 -18.51 6.66 27.96
N GLN A 158 -18.84 6.60 26.67
CA GLN A 158 -18.87 5.34 25.95
C GLN A 158 -17.47 4.81 25.67
N SER A 159 -17.43 3.57 25.21
CA SER A 159 -16.19 2.93 24.81
C SER A 159 -16.24 2.70 23.31
N VAL A 160 -15.13 2.96 22.64
CA VAL A 160 -14.94 2.63 21.24
C VAL A 160 -13.62 1.91 21.06
N THR A 161 -13.58 0.99 20.11
CA THR A 161 -12.34 0.31 19.78
C THR A 161 -12.05 0.57 18.30
N ILE A 162 -10.81 0.92 18.01
CA ILE A 162 -10.35 1.20 16.66
C ILE A 162 -9.40 0.09 16.25
N SER A 163 -9.65 -0.44 15.05
CA SER A 163 -8.99 -1.61 14.55
C SER A 163 -7.95 -1.22 13.49
N CYS A 164 -6.94 -2.07 13.37
CA CYS A 164 -5.86 -1.90 12.43
C CYS A 164 -5.56 -3.30 11.86
N SER A 165 -5.59 -3.43 10.54
CA SER A 165 -5.41 -4.71 9.87
C SER A 165 -4.24 -4.61 8.89
N GLY A 166 -3.39 -5.62 8.95
CA GLY A 166 -2.22 -5.70 8.08
C GLY A 166 -1.91 -7.14 7.69
N SER A 167 -0.60 -7.41 7.59
CA SER A 167 -0.09 -8.69 7.20
C SER A 167 1.08 -9.15 8.10
N GLY A 168 1.54 -10.37 7.86
CA GLY A 168 2.61 -10.99 8.63
C GLY A 168 3.89 -10.18 8.65
N SER A 169 4.25 -9.62 7.50
CA SER A 169 5.45 -8.81 7.36
C SER A 169 5.46 -7.48 8.13
N ASN A 170 4.27 -6.95 8.48
CA ASN A 170 4.19 -5.74 9.35
C ASN A 170 3.66 -6.06 10.74
N ILE A 171 2.36 -5.95 10.97
CA ILE A 171 1.78 -6.12 12.31
C ILE A 171 2.12 -7.48 12.91
N GLY A 172 2.16 -8.52 12.07
CA GLY A 172 2.51 -9.85 12.51
C GLY A 172 3.86 -9.93 13.19
N ASN A 173 4.86 -9.23 12.65
CA ASN A 173 6.24 -9.38 13.08
C ASN A 173 6.82 -8.19 13.82
N ASN A 174 6.10 -7.08 13.86
CA ASN A 174 6.70 -5.83 14.32
C ASN A 174 5.84 -5.13 15.34
N LYS A 175 6.52 -4.31 16.14
CA LYS A 175 5.86 -3.57 17.21
C LYS A 175 4.93 -2.53 16.57
N VAL A 176 3.73 -2.42 17.15
CA VAL A 176 2.68 -1.51 16.66
C VAL A 176 2.68 -0.23 17.51
N ASN A 177 2.62 0.92 16.84
CA ASN A 177 2.43 2.20 17.51
C ASN A 177 1.07 2.75 17.16
N TRP A 178 0.47 3.50 18.08
CA TRP A 178 -0.74 4.28 17.79
C TRP A 178 -0.48 5.76 18.03
N TYR A 179 -0.96 6.59 17.11
CA TYR A 179 -0.78 8.04 17.15
C TYR A 179 -2.15 8.72 17.17
N GLN A 180 -2.33 9.67 18.07
CA GLN A 180 -3.49 10.56 18.04
C GLN A 180 -3.13 11.82 17.30
N GLN A 181 -4.04 12.31 16.45
CA GLN A 181 -3.86 13.59 15.78
C GLN A 181 -5.09 14.47 15.92
N LEU A 182 -4.95 15.52 16.73
CA LEU A 182 -6.00 16.53 16.86
C LEU A 182 -6.01 17.41 15.62
N PRO A 183 -7.18 17.94 15.28
CA PRO A 183 -7.26 18.88 14.16
C PRO A 183 -6.17 19.94 14.19
N GLY A 184 -5.48 20.12 13.08
CA GLY A 184 -4.48 21.19 12.95
C GLY A 184 -3.20 21.05 13.77
N THR A 185 -2.96 19.86 14.32
CA THR A 185 -1.80 19.60 15.20
C THR A 185 -1.01 18.40 14.72
N ALA A 186 0.19 18.26 15.25
CA ALA A 186 1.05 17.14 14.89
C ALA A 186 0.62 15.88 15.63
N PRO A 187 0.84 14.69 15.01
CA PRO A 187 0.58 13.45 15.71
C PRO A 187 1.32 13.34 17.04
N LYS A 188 0.69 12.67 17.98
CA LYS A 188 1.25 12.45 19.30
C LYS A 188 1.14 10.95 19.59
N LEU A 189 2.21 10.38 20.13
CA LEU A 189 2.27 8.97 20.44
C LEU A 189 1.35 8.64 21.59
N LEU A 190 0.46 7.65 21.37
CA LEU A 190 -0.45 7.13 22.40
C LEU A 190 -0.07 5.76 22.93
N ILE A 191 0.29 4.87 22.03
CA ILE A 191 0.71 3.51 22.38
C ILE A 191 1.98 3.23 21.62
N TYR A 192 2.88 2.53 22.26
CA TYR A 192 4.06 1.98 21.59
C TYR A 192 4.19 0.54 22.04
N SER A 193 4.99 -0.23 21.30
CA SER A 193 5.26 -1.64 21.59
C SER A 193 3.96 -2.44 21.83
N ASN A 194 3.00 -2.23 20.93
CA ASN A 194 1.68 -2.87 20.96
C ASN A 194 0.71 -2.44 22.06
N ASN A 195 1.22 -2.31 23.29
CA ASN A 195 0.35 -2.07 24.46
C ASN A 195 0.90 -1.15 25.55
N GLN A 196 2.02 -0.47 25.31
CA GLN A 196 2.63 0.39 26.32
C GLN A 196 2.21 1.84 26.13
N ARG A 197 1.92 2.50 27.24
CA ARG A 197 1.47 3.88 27.25
C ARG A 197 2.64 4.75 27.64
N PRO A 198 2.98 5.76 26.82
CA PRO A 198 3.88 6.82 27.29
C PRO A 198 3.40 7.50 28.59
N SER A 199 4.33 8.09 29.34
CA SER A 199 4.00 8.96 30.48
C SER A 199 3.13 10.09 29.97
N GLY A 200 2.03 10.37 30.68
CA GLY A 200 1.08 11.41 30.29
C GLY A 200 -0.20 10.89 29.63
N VAL A 201 -0.13 9.73 29.01
CA VAL A 201 -1.29 9.17 28.33
C VAL A 201 -2.19 8.48 29.35
N PRO A 202 -3.49 8.88 29.40
CA PRO A 202 -4.41 8.25 30.34
C PRO A 202 -4.61 6.74 30.16
N ASP A 203 -4.72 6.02 31.28
CA ASP A 203 -5.00 4.56 31.26
C ASP A 203 -6.32 4.10 30.57
N ARG A 204 -7.21 5.04 30.21
CA ARG A 204 -8.38 4.68 29.39
C ARG A 204 -8.07 4.34 27.93
N PHE A 205 -6.88 4.69 27.47
CA PHE A 205 -6.36 4.17 26.21
C PHE A 205 -5.62 2.83 26.45
N SER A 206 -5.95 1.83 25.66
CA SER A 206 -5.40 0.48 25.80
C SER A 206 -5.08 -0.09 24.40
N GLY A 207 -3.90 -0.67 24.25
CA GLY A 207 -3.46 -1.27 22.98
C GLY A 207 -3.33 -2.78 23.05
N SER A 208 -3.50 -3.43 21.90
CA SER A 208 -3.33 -4.88 21.83
C SER A 208 -3.13 -5.30 20.40
N LYS A 209 -2.56 -6.48 20.22
CA LYS A 209 -2.51 -7.11 18.91
C LYS A 209 -2.52 -8.62 19.00
N SER A 210 -2.96 -9.24 17.92
CA SER A 210 -3.11 -10.67 17.83
C SER A 210 -3.05 -10.98 16.36
N GLY A 211 -2.09 -11.79 15.97
CA GLY A 211 -1.89 -12.15 14.58
C GLY A 211 -1.46 -10.96 13.77
N THR A 212 -2.20 -10.67 12.70
CA THR A 212 -1.94 -9.57 11.79
C THR A 212 -2.88 -8.39 12.05
N SER A 213 -3.50 -8.35 13.22
CA SER A 213 -4.52 -7.35 13.56
C SER A 213 -4.22 -6.65 14.90
N ALA A 214 -4.43 -5.33 14.95
CA ALA A 214 -4.28 -4.57 16.20
C ALA A 214 -5.52 -3.76 16.56
N SER A 215 -5.61 -3.36 17.82
CA SER A 215 -6.74 -2.63 18.33
C SER A 215 -6.29 -1.58 19.35
N LEU A 216 -6.94 -0.42 19.28
CA LEU A 216 -6.84 0.60 20.28
C LEU A 216 -8.21 0.73 20.91
N ALA A 217 -8.28 0.57 22.23
CA ALA A 217 -9.54 0.71 22.99
C ALA A 217 -9.53 2.02 23.78
N ILE A 218 -10.59 2.80 23.63
CA ILE A 218 -10.76 4.07 24.33
C ILE A 218 -11.99 3.94 25.20
N SER A 219 -11.80 3.97 26.52
CA SER A 219 -12.88 3.82 27.48
C SER A 219 -13.24 5.21 28.00
N GLY A 220 -14.46 5.37 28.52
CA GLY A 220 -14.86 6.63 29.18
C GLY A 220 -14.51 7.83 28.33
N LEU A 221 -15.09 7.84 27.15
CA LEU A 221 -14.78 8.77 26.06
C LEU A 221 -15.06 10.22 26.45
N GLN A 222 -14.15 11.13 26.08
CA GLN A 222 -14.32 12.57 26.33
C GLN A 222 -14.21 13.36 25.04
N SER A 223 -14.82 14.55 25.03
CA SER A 223 -14.83 15.47 23.88
C SER A 223 -13.43 15.75 23.32
N GLU A 224 -12.45 15.94 24.20
CA GLU A 224 -11.04 16.08 23.81
C GLU A 224 -10.45 14.94 22.96
N ASP A 225 -11.03 13.74 23.03
CA ASP A 225 -10.60 12.60 22.19
C ASP A 225 -11.02 12.67 20.72
N GLU A 226 -11.87 13.63 20.34
CA GLU A 226 -12.24 13.80 18.93
C GLU A 226 -10.97 14.10 18.14
N ALA A 227 -10.62 13.17 17.28
CA ALA A 227 -9.28 13.11 16.73
C ALA A 227 -9.17 12.02 15.65
N ASP A 228 -8.05 12.04 14.96
CA ASP A 228 -7.66 11.02 13.99
C ASP A 228 -6.70 10.10 14.69
N TYR A 229 -6.95 8.79 14.58
CA TYR A 229 -6.07 7.78 15.17
C TYR A 229 -5.45 6.92 14.06
N TYR A 230 -4.13 6.81 14.11
CA TYR A 230 -3.34 6.08 13.15
C TYR A 230 -2.59 4.98 13.90
N CYS A 231 -2.70 3.74 13.43
CA CYS A 231 -1.75 2.70 13.82
C CYS A 231 -0.55 2.81 12.89
N ALA A 232 0.55 2.17 13.28
CA ALA A 232 1.72 2.11 12.43
C ALA A 232 2.67 1.03 12.89
N ALA A 233 3.46 0.56 11.92
CA ALA A 233 4.45 -0.48 12.16
C ALA A 233 5.42 -0.57 10.99
N TRP A 234 6.60 -1.08 11.29
CA TRP A 234 7.61 -1.39 10.29
C TRP A 234 7.19 -2.60 9.47
N ASP A 235 7.57 -2.59 8.20
CA ASP A 235 7.30 -3.70 7.30
C ASP A 235 8.60 -4.30 6.78
N ASP A 236 8.82 -5.58 7.06
CA ASP A 236 10.03 -6.28 6.63
C ASP A 236 10.12 -6.53 5.13
N GLY A 237 8.97 -6.73 4.48
CA GLY A 237 8.92 -6.87 3.03
C GLY A 237 9.30 -5.59 2.31
N LEU A 238 8.57 -4.52 2.61
CA LEU A 238 8.81 -3.23 1.99
C LEU A 238 10.07 -2.57 2.48
N SER A 239 10.51 -2.94 3.69
CA SER A 239 11.62 -2.26 4.34
C SER A 239 11.26 -0.77 4.52
N GLY A 240 10.06 -0.52 5.05
CA GLY A 240 9.66 0.86 5.39
C GLY A 240 8.59 0.92 6.47
N TYR A 241 8.47 2.10 7.06
CA TYR A 241 7.53 2.33 8.13
C TYR A 241 6.18 2.71 7.53
N VAL A 242 5.13 2.05 8.00
CA VAL A 242 3.83 2.09 7.34
C VAL A 242 2.79 2.56 8.33
N PHE A 243 2.03 3.59 7.93
CA PHE A 243 0.89 4.10 8.69
C PHE A 243 -0.43 3.51 8.22
N GLY A 244 -1.38 3.41 9.14
CA GLY A 244 -2.74 3.03 8.77
C GLY A 244 -3.42 4.19 8.06
N THR A 245 -4.57 3.92 7.45
CA THR A 245 -5.34 4.92 6.73
C THR A 245 -5.97 5.94 7.67
N GLY A 246 -5.99 5.63 8.97
CA GLY A 246 -6.52 6.53 9.97
C GLY A 246 -8.01 6.39 10.19
N THR A 247 -8.42 6.67 11.42
CA THR A 247 -9.83 6.61 11.84
C THR A 247 -10.24 7.93 12.47
N LYS A 248 -11.26 8.57 11.90
CA LYS A 248 -11.82 9.82 12.42
C LYS A 248 -12.76 9.42 13.51
N LEU A 249 -12.45 9.81 14.73
CA LEU A 249 -13.31 9.56 15.85
C LEU A 249 -14.08 10.83 16.15
N THR A 250 -15.40 10.75 16.04
CA THR A 250 -16.30 11.85 16.37
C THR A 250 -16.97 11.59 17.71
N VAL A 251 -16.75 12.49 18.66
CA VAL A 251 -17.43 12.45 19.94
C VAL A 251 -18.73 13.23 19.78
N LEU A 252 -19.86 12.51 19.78
CA LEU A 252 -21.19 13.12 19.63
C LEU A 252 -21.76 13.66 20.94
N ALA A 253 -22.07 14.95 21.02
CA ALA A 253 -22.71 15.51 22.21
C ALA A 253 -24.11 14.86 22.29
N ALA A 254 -24.51 14.25 23.42
CA ALA A 254 -23.79 14.18 24.70
C ALA A 254 -24.40 13.05 25.54
N VAL B 2 -8.91 -18.47 -28.00
CA VAL B 2 -9.75 -17.32 -27.53
C VAL B 2 -9.02 -15.96 -27.65
N GLN B 3 -9.79 -14.95 -28.08
CA GLN B 3 -9.28 -13.63 -28.51
C GLN B 3 -10.00 -12.47 -27.81
N LEU B 4 -9.22 -11.59 -27.18
CA LEU B 4 -9.75 -10.42 -26.48
C LEU B 4 -9.44 -9.12 -27.21
N VAL B 5 -10.47 -8.28 -27.32
CA VAL B 5 -10.37 -6.99 -27.97
C VAL B 5 -11.08 -5.98 -27.11
N GLU B 6 -10.32 -5.05 -26.54
CA GLU B 6 -10.86 -4.00 -25.72
C GLU B 6 -11.00 -2.73 -26.54
N SER B 7 -11.74 -1.78 -26.00
CA SER B 7 -12.02 -0.56 -26.73
C SER B 7 -10.73 0.24 -26.83
N GLU B 8 -10.67 1.10 -27.85
CA GLU B 8 -9.50 1.93 -28.15
C GLU B 8 -9.24 2.91 -27.00
N ALA B 9 -8.00 3.39 -26.88
CA ALA B 9 -7.61 4.39 -25.86
C ALA B 9 -8.50 5.62 -25.83
N GLU B 10 -8.78 6.16 -24.63
CA GLU B 10 -9.77 7.25 -24.48
C GLU B 10 -9.27 8.32 -23.52
N VAL B 11 -9.17 9.55 -24.03
CA VAL B 11 -9.05 10.74 -23.16
C VAL B 11 -10.46 11.16 -22.75
N LYS B 12 -10.61 11.59 -21.49
CA LYS B 12 -11.92 11.90 -20.90
C LYS B 12 -11.85 13.09 -19.94
N LYS B 13 -12.99 13.76 -19.80
CA LYS B 13 -13.11 14.98 -19.01
C LYS B 13 -13.29 14.56 -17.55
N PRO B 14 -12.65 15.28 -16.61
CA PRO B 14 -13.02 15.12 -15.19
C PRO B 14 -14.52 15.21 -14.96
N GLY B 15 -15.03 14.46 -13.98
CA GLY B 15 -16.46 14.43 -13.67
C GLY B 15 -17.33 13.51 -14.52
N SER B 16 -16.86 13.13 -15.72
CA SER B 16 -17.69 12.33 -16.66
C SER B 16 -17.63 10.84 -16.31
N SER B 17 -18.07 9.98 -17.22
CA SER B 17 -17.95 8.54 -17.02
C SER B 17 -17.54 7.84 -18.32
N VAL B 18 -16.86 6.70 -18.19
CA VAL B 18 -16.35 5.93 -19.32
C VAL B 18 -16.87 4.49 -19.26
N LYS B 19 -17.21 3.95 -20.44
CA LYS B 19 -17.57 2.55 -20.61
C LYS B 19 -16.47 1.93 -21.45
N VAL B 20 -15.73 1.00 -20.86
CA VAL B 20 -14.73 0.19 -21.57
C VAL B 20 -15.45 -1.11 -21.91
N SER B 21 -15.23 -1.59 -23.13
CA SER B 21 -15.80 -2.86 -23.55
C SER B 21 -14.65 -3.82 -23.75
N CYS B 22 -14.92 -5.11 -23.64
CA CYS B 22 -14.07 -6.09 -24.30
C CYS B 22 -14.86 -7.23 -24.91
N LYS B 23 -14.47 -7.62 -26.11
CA LYS B 23 -15.15 -8.65 -26.85
C LYS B 23 -14.24 -9.86 -26.78
N ALA B 24 -14.82 -11.01 -26.46
CA ALA B 24 -14.10 -12.30 -26.47
C ALA B 24 -14.67 -13.21 -27.55
N SER B 25 -13.80 -13.84 -28.31
CA SER B 25 -14.26 -14.64 -29.44
C SER B 25 -13.57 -16.00 -29.42
N GLY B 26 -14.23 -16.97 -30.03
CA GLY B 26 -13.70 -18.33 -30.15
C GLY B 26 -13.52 -19.12 -28.87
N GLY B 27 -14.44 -18.97 -27.93
CA GLY B 27 -14.54 -19.84 -26.76
C GLY B 27 -15.98 -19.93 -26.31
N THR B 28 -16.23 -20.57 -25.18
CA THR B 28 -17.58 -20.57 -24.60
C THR B 28 -17.69 -19.39 -23.63
N PHE B 29 -18.19 -18.29 -24.17
CA PHE B 29 -18.25 -17.02 -23.44
C PHE B 29 -18.99 -17.11 -22.09
N SER B 30 -20.08 -17.84 -22.10
CA SER B 30 -20.95 -18.04 -20.93
C SER B 30 -20.27 -18.84 -19.80
N SER B 31 -19.27 -19.66 -20.13
CA SER B 31 -18.52 -20.43 -19.15
C SER B 31 -17.34 -19.66 -18.49
N TYR B 32 -17.09 -18.42 -18.91
CA TYR B 32 -15.98 -17.66 -18.36
C TYR B 32 -16.49 -16.73 -17.29
N ALA B 33 -15.64 -16.44 -16.31
CA ALA B 33 -15.79 -15.28 -15.44
C ALA B 33 -14.95 -14.18 -16.09
N ILE B 34 -15.53 -12.99 -16.23
CA ILE B 34 -14.82 -11.84 -16.71
C ILE B 34 -14.55 -11.00 -15.49
N SER B 35 -13.28 -10.67 -15.26
CA SER B 35 -12.90 -9.74 -14.24
C SER B 35 -12.26 -8.48 -14.85
N TRP B 36 -12.25 -7.39 -14.09
CA TRP B 36 -11.65 -6.13 -14.53
C TRP B 36 -10.60 -5.65 -13.55
N VAL B 37 -9.40 -5.35 -14.07
CA VAL B 37 -8.25 -4.97 -13.26
C VAL B 37 -7.61 -3.74 -13.90
N ARG B 38 -7.24 -2.76 -13.09
CA ARG B 38 -6.54 -1.59 -13.62
C ARG B 38 -5.16 -1.36 -13.04
N GLN B 39 -4.39 -0.56 -13.77
CA GLN B 39 -3.00 -0.30 -13.45
C GLN B 39 -2.67 1.12 -13.84
N ALA B 40 -2.44 1.97 -12.85
CA ALA B 40 -1.97 3.33 -13.12
C ALA B 40 -0.53 3.24 -13.64
N PRO B 41 -0.13 4.17 -14.52
CA PRO B 41 1.23 4.11 -15.08
C PRO B 41 2.31 4.08 -14.01
N GLY B 42 3.24 3.14 -14.14
CA GLY B 42 4.32 2.93 -13.17
C GLY B 42 3.97 2.22 -11.86
N GLN B 43 2.73 1.75 -11.73
CA GLN B 43 2.22 1.29 -10.44
C GLN B 43 1.62 -0.11 -10.55
N GLY B 44 1.01 -0.58 -9.47
CA GLY B 44 0.53 -1.93 -9.38
C GLY B 44 -0.88 -2.15 -9.89
N LEU B 45 -1.35 -3.36 -9.60
CA LEU B 45 -2.61 -3.88 -10.12
C LEU B 45 -3.72 -3.74 -9.08
N GLU B 46 -4.92 -3.41 -9.53
CA GLU B 46 -6.05 -3.20 -8.64
C GLU B 46 -7.30 -3.76 -9.26
N TRP B 47 -7.84 -4.80 -8.62
CA TRP B 47 -9.08 -5.43 -9.01
C TRP B 47 -10.25 -4.51 -8.73
N MET B 48 -11.08 -4.34 -9.75
CA MET B 48 -12.27 -3.51 -9.65
C MET B 48 -13.50 -4.35 -9.43
N GLY B 49 -13.57 -5.49 -10.11
CA GLY B 49 -14.73 -6.37 -10.00
C GLY B 49 -14.82 -7.38 -11.12
N GLY B 50 -15.90 -8.17 -11.11
CA GLY B 50 -16.10 -9.17 -12.15
C GLY B 50 -17.47 -9.82 -12.10
N THR B 51 -17.76 -10.56 -13.15
CA THR B 51 -18.97 -11.37 -13.23
C THR B 51 -18.57 -12.79 -13.04
N ILE B 52 -19.53 -13.62 -12.64
CA ILE B 52 -19.30 -15.07 -12.51
C ILE B 52 -20.30 -15.80 -13.37
N PRO B 53 -19.87 -16.91 -14.01
CA PRO B 53 -20.77 -17.60 -14.93
C PRO B 53 -21.91 -18.35 -14.21
N ILE B 54 -22.88 -18.82 -15.00
CA ILE B 54 -24.08 -19.51 -14.50
C ILE B 54 -25.04 -18.54 -13.82
N PHE B 55 -24.58 -17.96 -12.73
CA PHE B 55 -25.41 -17.04 -11.94
C PHE B 55 -25.52 -15.66 -12.57
N GLY B 56 -24.47 -15.26 -13.30
CA GLY B 56 -24.45 -13.97 -14.01
C GLY B 56 -24.36 -12.76 -13.10
N THR B 57 -23.93 -12.96 -11.87
CA THR B 57 -23.94 -11.90 -10.86
C THR B 57 -22.61 -11.20 -10.89
N ALA B 58 -22.64 -9.87 -10.72
CA ALA B 58 -21.45 -9.03 -10.70
C ALA B 58 -21.07 -8.75 -9.25
N ASP B 59 -19.80 -8.50 -9.03
CA ASP B 59 -19.33 -8.13 -7.70
C ASP B 59 -18.18 -7.15 -7.81
N TYR B 60 -17.96 -6.37 -6.75
CA TYR B 60 -17.18 -5.14 -6.82
C TYR B 60 -16.24 -4.95 -5.65
N ALA B 61 -15.06 -4.42 -5.94
CA ALA B 61 -14.12 -3.99 -4.91
C ALA B 61 -14.69 -2.78 -4.18
N GLN B 62 -14.55 -2.75 -2.85
CA GLN B 62 -15.29 -1.80 -2.01
C GLN B 62 -14.89 -0.31 -2.19
N GLU B 63 -13.66 -0.05 -2.65
CA GLU B 63 -13.23 1.32 -3.07
C GLU B 63 -14.02 1.87 -4.28
N PHE B 64 -14.58 0.96 -5.09
CA PHE B 64 -15.32 1.31 -6.30
C PHE B 64 -16.83 1.17 -6.20
N GLN B 65 -17.35 0.70 -5.06
CA GLN B 65 -18.80 0.64 -4.87
C GLN B 65 -19.41 2.05 -4.90
N GLY B 66 -20.49 2.13 -5.67
CA GLY B 66 -21.02 3.40 -6.16
C GLY B 66 -20.60 3.57 -7.61
N ARG B 67 -19.30 3.63 -7.84
CA ARG B 67 -18.76 4.20 -9.06
C ARG B 67 -18.65 3.27 -10.27
N VAL B 68 -18.82 1.96 -10.08
CA VAL B 68 -18.56 0.97 -11.14
C VAL B 68 -19.78 0.10 -11.42
N THR B 69 -20.04 -0.13 -12.71
CA THR B 69 -21.09 -1.03 -13.17
C THR B 69 -20.49 -1.94 -14.23
N ILE B 70 -20.44 -3.23 -13.92
CA ILE B 70 -19.93 -4.24 -14.83
C ILE B 70 -21.17 -4.90 -15.38
N THR B 71 -21.12 -5.24 -16.66
CA THR B 71 -22.27 -5.81 -17.36
C THR B 71 -21.81 -6.63 -18.57
N THR B 72 -22.54 -7.71 -18.88
CA THR B 72 -22.16 -8.65 -19.93
C THR B 72 -23.27 -8.86 -20.92
N ASP B 73 -22.93 -8.77 -22.19
CA ASP B 73 -23.88 -9.06 -23.26
C ASP B 73 -23.55 -10.41 -23.90
N GLU B 74 -24.32 -11.44 -23.52
CA GLU B 74 -24.09 -12.80 -23.98
C GLU B 74 -24.29 -12.90 -25.49
N SER B 75 -25.28 -12.18 -26.01
CA SER B 75 -25.52 -12.07 -27.45
C SER B 75 -24.24 -11.76 -28.25
N THR B 76 -23.58 -10.65 -27.92
CA THR B 76 -22.37 -10.19 -28.64
C THR B 76 -21.03 -10.71 -28.05
N SER B 77 -21.06 -11.64 -27.09
CA SER B 77 -19.86 -12.12 -26.38
C SER B 77 -18.95 -10.96 -25.93
N THR B 78 -19.55 -9.99 -25.23
CA THR B 78 -18.91 -8.73 -24.89
C THR B 78 -19.25 -8.28 -23.47
N ALA B 79 -18.21 -8.11 -22.66
CA ALA B 79 -18.31 -7.52 -21.33
C ALA B 79 -18.10 -6.00 -21.40
N TYR B 80 -18.72 -5.28 -20.47
CA TYR B 80 -18.64 -3.82 -20.36
C TYR B 80 -18.37 -3.40 -18.91
N MET B 81 -17.48 -2.41 -18.76
CA MET B 81 -17.12 -1.87 -17.46
C MET B 81 -17.33 -0.37 -17.56
N GLU B 82 -18.21 0.16 -16.71
CA GLU B 82 -18.47 1.58 -16.67
C GLU B 82 -18.03 2.16 -15.33
N LEU B 83 -17.16 3.15 -15.36
CA LEU B 83 -16.82 3.88 -14.16
C LEU B 83 -17.15 5.35 -14.31
N SER B 84 -17.77 5.90 -13.27
CA SER B 84 -18.25 7.27 -13.26
C SER B 84 -17.53 8.13 -12.22
N GLY B 85 -17.70 9.44 -12.36
CA GLY B 85 -17.12 10.42 -11.44
C GLY B 85 -15.61 10.50 -11.58
N LEU B 86 -15.14 10.54 -12.83
CA LEU B 86 -13.71 10.41 -13.09
C LEU B 86 -12.89 11.53 -12.44
N ARG B 87 -11.85 11.13 -11.71
CA ARG B 87 -10.81 12.04 -11.22
C ARG B 87 -9.53 11.73 -11.99
N SER B 88 -8.46 12.48 -11.71
CA SER B 88 -7.14 12.18 -12.27
C SER B 88 -6.56 10.85 -11.74
N GLU B 89 -6.85 10.55 -10.46
CA GLU B 89 -6.51 9.25 -9.83
C GLU B 89 -6.89 8.05 -10.69
N ASP B 90 -7.98 8.17 -11.42
CA ASP B 90 -8.50 7.09 -12.26
C ASP B 90 -7.75 6.88 -13.59
N THR B 91 -6.72 7.67 -13.88
CA THR B 91 -5.93 7.47 -15.08
C THR B 91 -5.17 6.15 -14.93
N ALA B 92 -5.41 5.23 -15.85
CA ALA B 92 -4.84 3.90 -15.80
C ALA B 92 -5.08 3.11 -17.08
N VAL B 93 -4.35 2.03 -17.25
CA VAL B 93 -4.70 0.99 -18.22
C VAL B 93 -5.70 0.03 -17.58
N TYR B 94 -6.83 -0.19 -18.26
CA TYR B 94 -7.97 -0.95 -17.74
C TYR B 94 -8.03 -2.29 -18.46
N TYR B 95 -7.63 -3.34 -17.74
CA TYR B 95 -7.55 -4.70 -18.29
C TYR B 95 -8.81 -5.50 -18.03
N CYS B 96 -9.32 -6.16 -19.07
CA CYS B 96 -10.34 -7.19 -18.90
C CYS B 96 -9.57 -8.50 -18.87
N VAL B 97 -10.03 -9.42 -18.03
CA VAL B 97 -9.36 -10.71 -17.78
C VAL B 97 -10.37 -11.87 -17.85
N LEU B 98 -10.16 -12.83 -18.75
CA LEU B 98 -10.95 -14.07 -18.77
C LEU B 98 -10.35 -14.99 -17.76
N LEU B 99 -11.22 -15.59 -16.96
CA LEU B 99 -10.87 -16.65 -16.03
C LEU B 99 -11.70 -17.84 -16.47
N GLY B 100 -11.08 -19.02 -16.52
CA GLY B 100 -11.84 -20.23 -16.82
C GLY B 100 -11.12 -21.52 -16.42
N THR B 101 -11.64 -22.63 -16.90
CA THR B 101 -11.02 -23.94 -16.74
C THR B 101 -10.75 -24.50 -18.14
N THR B 102 -9.67 -25.27 -18.27
CA THR B 102 -9.29 -25.83 -19.55
C THR B 102 -10.26 -26.93 -19.97
N MET B 103 -10.36 -27.12 -21.28
CA MET B 103 -11.41 -27.95 -21.88
C MET B 103 -11.29 -29.41 -21.39
N VAL B 104 -10.11 -29.98 -21.60
CA VAL B 104 -9.79 -31.34 -21.18
C VAL B 104 -9.27 -31.47 -19.76
N THR B 105 -8.49 -30.49 -19.31
CA THR B 105 -7.41 -30.80 -18.41
C THR B 105 -7.81 -30.91 -16.91
N GLY B 106 -8.99 -30.49 -16.39
CA GLY B 106 -9.70 -29.20 -16.60
C GLY B 106 -9.31 -28.20 -15.50
N HIS B 107 -8.07 -27.75 -15.58
CA HIS B 107 -7.44 -26.90 -14.57
C HIS B 107 -7.67 -25.41 -14.86
N TYR B 108 -7.36 -24.57 -13.88
CA TYR B 108 -7.56 -23.13 -13.99
C TYR B 108 -6.69 -22.46 -15.07
N PHE B 109 -7.24 -21.41 -15.67
CA PHE B 109 -6.48 -20.52 -16.56
C PHE B 109 -7.07 -19.11 -16.54
N ASP B 110 -6.34 -18.24 -17.21
CA ASP B 110 -6.32 -16.85 -16.90
C ASP B 110 -5.76 -16.20 -18.19
N TYR B 111 -6.54 -15.37 -18.89
CA TYR B 111 -6.08 -14.68 -20.11
C TYR B 111 -6.37 -13.20 -19.99
N TRP B 112 -5.33 -12.36 -20.07
CA TRP B 112 -5.49 -10.90 -19.91
C TRP B 112 -5.54 -10.17 -21.26
N GLY B 113 -6.49 -9.25 -21.40
CA GLY B 113 -6.55 -8.37 -22.58
C GLY B 113 -5.38 -7.41 -22.60
N GLN B 114 -5.25 -6.69 -23.73
CA GLN B 114 -4.17 -5.69 -23.97
C GLN B 114 -4.26 -4.46 -23.08
N GLY B 115 -5.50 -4.12 -22.72
CA GLY B 115 -5.76 -3.00 -21.85
C GLY B 115 -6.15 -1.77 -22.66
N THR B 116 -7.03 -0.97 -22.08
CA THR B 116 -7.49 0.30 -22.63
C THR B 116 -6.95 1.40 -21.72
N LEU B 117 -6.06 2.24 -22.26
CA LEU B 117 -5.58 3.40 -21.52
C LEU B 117 -6.70 4.43 -21.47
N VAL B 118 -7.06 4.83 -20.25
CA VAL B 118 -8.03 5.89 -20.03
C VAL B 118 -7.33 7.03 -19.27
N THR B 119 -7.29 8.21 -19.90
CA THR B 119 -6.62 9.38 -19.36
C THR B 119 -7.67 10.41 -18.94
N VAL B 120 -7.31 11.26 -17.99
CA VAL B 120 -8.25 12.26 -17.45
C VAL B 120 -7.68 13.68 -17.49
N SER B 121 -8.06 14.42 -18.56
CA SER B 121 -7.53 15.76 -18.94
C SER B 121 -6.14 16.16 -18.42
N ASN B 143 -6.27 1.18 -2.18
CA ASN B 143 -6.26 -0.25 -2.40
C ASN B 143 -5.28 -0.97 -1.45
N PHE B 144 -5.84 -1.77 -0.55
CA PHE B 144 -5.06 -2.77 0.19
C PHE B 144 -4.37 -3.78 -0.75
N MET B 145 -3.17 -4.20 -0.35
CA MET B 145 -2.27 -5.00 -1.18
C MET B 145 -1.48 -5.96 -0.29
N LEU B 146 -1.09 -7.10 -0.87
CA LEU B 146 -0.21 -8.04 -0.18
C LEU B 146 1.21 -7.52 -0.23
N THR B 147 2.02 -7.90 0.73
CA THR B 147 3.33 -7.26 0.87
C THR B 147 4.35 -8.08 0.09
N GLN B 148 5.11 -7.39 -0.75
CA GLN B 148 6.25 -7.96 -1.46
C GLN B 148 7.44 -6.99 -1.38
N PRO B 149 8.68 -7.52 -1.40
CA PRO B 149 9.81 -6.62 -1.46
C PRO B 149 9.86 -5.91 -2.80
N PRO B 150 10.20 -4.62 -2.79
CA PRO B 150 10.12 -3.87 -4.03
C PRO B 150 11.04 -4.39 -5.14
N SER B 151 12.17 -4.96 -4.75
CA SER B 151 13.21 -5.39 -5.68
C SER B 151 13.84 -6.75 -5.37
N ALA B 152 14.52 -7.29 -6.37
CA ALA B 152 15.27 -8.52 -6.26
C ALA B 152 16.21 -8.60 -7.47
N SER B 153 17.33 -9.30 -7.33
CA SER B 153 18.27 -9.39 -8.42
C SER B 153 19.12 -10.64 -8.35
N GLY B 154 19.76 -10.96 -9.46
CA GLY B 154 20.64 -12.10 -9.55
C GLY B 154 21.35 -12.09 -10.89
N THR B 155 22.45 -12.83 -10.96
CA THR B 155 23.12 -13.06 -12.21
C THR B 155 22.53 -14.31 -12.82
N PRO B 156 22.60 -14.46 -14.15
CA PRO B 156 22.09 -15.69 -14.72
C PRO B 156 22.67 -16.95 -14.06
N GLY B 157 21.82 -17.94 -13.88
CA GLY B 157 22.19 -19.19 -13.19
C GLY B 157 21.85 -19.21 -11.72
N GLN B 158 21.74 -18.05 -11.11
CA GLN B 158 21.39 -17.96 -9.68
C GLN B 158 19.93 -18.30 -9.40
N SER B 159 19.64 -18.47 -8.11
CA SER B 159 18.30 -18.68 -7.63
C SER B 159 17.87 -17.47 -6.79
N VAL B 160 16.64 -17.02 -7.03
CA VAL B 160 16.04 -15.95 -6.25
C VAL B 160 14.69 -16.42 -5.80
N THR B 161 14.31 -15.99 -4.62
CA THR B 161 12.98 -16.21 -4.13
C THR B 161 12.32 -14.88 -3.93
N ILE B 162 11.07 -14.77 -4.39
CA ILE B 162 10.27 -13.60 -4.16
C ILE B 162 9.18 -14.01 -3.17
N SER B 163 9.03 -13.20 -2.13
CA SER B 163 8.10 -13.49 -1.05
C SER B 163 6.88 -12.58 -1.12
N CYS B 164 5.81 -13.10 -0.55
CA CYS B 164 4.51 -12.49 -0.56
C CYS B 164 3.94 -12.72 0.84
N SER B 165 3.59 -11.64 1.52
CA SER B 165 3.11 -11.72 2.90
C SER B 165 1.73 -11.12 3.02
N GLY B 166 0.86 -11.85 3.70
CA GLY B 166 -0.51 -11.44 3.90
C GLY B 166 -1.02 -11.90 5.26
N SER B 167 -2.29 -12.25 5.30
CA SER B 167 -3.00 -12.60 6.52
C SER B 167 -3.89 -13.83 6.30
N GLY B 168 -4.48 -14.29 7.40
CA GLY B 168 -5.33 -15.47 7.42
C GLY B 168 -6.49 -15.42 6.45
N SER B 169 -7.14 -14.26 6.38
CA SER B 169 -8.27 -14.04 5.49
C SER B 169 -7.93 -14.07 3.97
N ASN B 170 -6.67 -13.83 3.59
CA ASN B 170 -6.24 -14.01 2.18
C ASN B 170 -5.35 -15.24 1.95
N ILE B 171 -4.03 -15.08 2.00
CA ILE B 171 -3.11 -16.18 1.70
C ILE B 171 -3.36 -17.40 2.57
N GLY B 172 -3.71 -17.18 3.84
CA GLY B 172 -4.01 -18.25 4.77
C GLY B 172 -5.11 -19.18 4.31
N ASN B 173 -6.16 -18.62 3.74
CA ASN B 173 -7.38 -19.37 3.41
C ASN B 173 -7.62 -19.60 1.93
N ASN B 174 -6.82 -18.99 1.05
CA ASN B 174 -7.15 -18.93 -0.37
C ASN B 174 -5.99 -19.23 -1.27
N LYS B 175 -6.33 -19.69 -2.47
CA LYS B 175 -5.34 -20.12 -3.45
C LYS B 175 -4.57 -18.89 -3.92
N VAL B 176 -3.25 -19.04 -4.04
CA VAL B 176 -2.35 -17.97 -4.43
C VAL B 176 -2.00 -18.08 -5.91
N ASN B 177 -2.06 -16.96 -6.62
CA ASN B 177 -1.59 -16.89 -8.01
C ASN B 177 -0.35 -16.01 -8.07
N TRP B 178 0.54 -16.28 -9.03
CA TRP B 178 1.64 -15.39 -9.37
C TRP B 178 1.56 -14.98 -10.84
N TYR B 179 1.80 -13.70 -11.10
CA TYR B 179 1.74 -13.10 -12.45
C TYR B 179 3.09 -12.46 -12.77
N GLN B 180 3.60 -12.75 -13.96
CA GLN B 180 4.78 -12.05 -14.48
C GLN B 180 4.28 -10.92 -15.38
N GLN B 181 4.92 -9.76 -15.29
CA GLN B 181 4.59 -8.64 -16.19
C GLN B 181 5.84 -8.03 -16.80
N LEU B 182 6.00 -8.24 -18.10
CA LEU B 182 7.09 -7.66 -18.87
C LEU B 182 6.74 -6.21 -19.20
N PRO B 183 7.77 -5.36 -19.33
CA PRO B 183 7.55 -3.98 -19.76
C PRO B 183 6.60 -3.89 -20.97
N GLY B 184 5.60 -3.02 -20.89
CA GLY B 184 4.68 -2.80 -22.00
C GLY B 184 3.75 -3.93 -22.38
N THR B 185 3.61 -4.91 -21.48
CA THR B 185 2.82 -6.10 -21.73
C THR B 185 1.79 -6.28 -20.59
N ALA B 186 0.71 -6.99 -20.89
CA ALA B 186 -0.28 -7.34 -19.89
C ALA B 186 0.26 -8.49 -19.04
N PRO B 187 -0.18 -8.57 -17.77
CA PRO B 187 0.30 -9.66 -16.90
C PRO B 187 0.00 -11.03 -17.51
N LYS B 188 0.85 -11.99 -17.19
CA LYS B 188 0.71 -13.35 -17.65
C LYS B 188 0.82 -14.24 -16.40
N LEU B 189 -0.06 -15.23 -16.32
CA LEU B 189 -0.11 -16.18 -15.22
C LEU B 189 1.12 -17.09 -15.21
N LEU B 190 1.82 -17.16 -14.07
CA LEU B 190 2.97 -18.07 -13.87
C LEU B 190 2.70 -19.25 -12.97
N ILE B 191 2.01 -18.97 -11.86
CA ILE B 191 1.60 -19.99 -10.91
C ILE B 191 0.14 -19.78 -10.61
N TYR B 192 -0.59 -20.87 -10.45
CA TYR B 192 -1.93 -20.83 -9.93
C TYR B 192 -2.03 -21.94 -8.88
N SER B 193 -3.06 -21.85 -8.04
CA SER B 193 -3.31 -22.81 -6.97
C SER B 193 -2.05 -23.09 -6.13
N ASN B 194 -1.41 -22.01 -5.69
CA ASN B 194 -0.19 -22.01 -4.87
C ASN B 194 1.07 -22.52 -5.54
N ASN B 195 0.98 -23.62 -6.28
CA ASN B 195 2.17 -24.31 -6.81
C ASN B 195 2.06 -24.93 -8.20
N GLN B 196 0.98 -24.67 -8.93
CA GLN B 196 0.77 -25.28 -10.24
C GLN B 196 1.24 -24.33 -11.32
N ARG B 197 1.91 -24.90 -12.32
CA ARG B 197 2.42 -24.16 -13.46
C ARG B 197 1.48 -24.37 -14.63
N PRO B 198 0.98 -23.29 -15.25
CA PRO B 198 0.37 -23.42 -16.56
C PRO B 198 1.29 -24.14 -17.57
N SER B 199 0.71 -24.78 -18.58
CA SER B 199 1.52 -25.34 -19.68
C SER B 199 2.22 -24.14 -20.36
N GLY B 200 3.52 -24.32 -20.66
CA GLY B 200 4.34 -23.26 -21.26
C GLY B 200 5.29 -22.57 -20.29
N VAL B 201 4.94 -22.58 -19.01
CA VAL B 201 5.80 -21.96 -17.99
C VAL B 201 6.91 -22.96 -17.64
N PRO B 202 8.20 -22.53 -17.76
CA PRO B 202 9.33 -23.41 -17.38
C PRO B 202 9.33 -23.91 -15.94
N ASP B 203 9.73 -25.17 -15.78
CA ASP B 203 9.82 -25.80 -14.44
C ASP B 203 10.81 -25.15 -13.44
N ARG B 204 11.62 -24.19 -13.88
CA ARG B 204 12.44 -23.42 -12.94
C ARG B 204 11.66 -22.43 -12.05
N PHE B 205 10.43 -22.11 -12.46
CA PHE B 205 9.51 -21.40 -11.60
C PHE B 205 8.79 -22.39 -10.70
N SER B 206 8.75 -22.08 -9.41
CA SER B 206 8.16 -22.95 -8.40
C SER B 206 7.41 -22.06 -7.40
N GLY B 207 6.19 -22.46 -7.08
CA GLY B 207 5.36 -21.77 -6.10
C GLY B 207 5.19 -22.57 -4.82
N SER B 208 4.96 -21.86 -3.72
CA SER B 208 4.66 -22.50 -2.43
C SER B 208 4.00 -21.52 -1.50
N LYS B 209 3.33 -22.05 -0.49
CA LYS B 209 2.88 -21.24 0.61
C LYS B 209 2.87 -22.01 1.92
N SER B 210 2.93 -21.26 3.00
CA SER B 210 2.99 -21.79 4.35
C SER B 210 2.48 -20.70 5.27
N GLY B 211 1.40 -20.99 6.00
CA GLY B 211 0.75 -20.00 6.86
C GLY B 211 0.12 -18.89 6.03
N THR B 212 0.51 -17.66 6.38
CA THR B 212 0.03 -16.46 5.71
C THR B 212 1.07 -15.91 4.71
N SER B 213 2.04 -16.73 4.32
CA SER B 213 3.15 -16.31 3.48
C SER B 213 3.26 -17.19 2.21
N ALA B 214 3.57 -16.58 1.07
CA ALA B 214 3.88 -17.34 -0.15
C ALA B 214 5.23 -16.97 -0.76
N SER B 215 5.72 -17.86 -1.61
CA SER B 215 7.02 -17.70 -2.24
C SER B 215 6.98 -18.18 -3.66
N LEU B 216 7.64 -17.42 -4.52
CA LEU B 216 7.91 -17.82 -5.88
C LEU B 216 9.42 -18.01 -5.92
N ALA B 217 9.85 -19.21 -6.29
CA ALA B 217 11.27 -19.51 -6.43
C ALA B 217 11.60 -19.62 -7.92
N ILE B 218 12.63 -18.90 -8.32
CA ILE B 218 13.11 -18.93 -9.69
C ILE B 218 14.51 -19.49 -9.61
N SER B 219 14.70 -20.68 -10.18
CA SER B 219 16.02 -21.36 -10.22
C SER B 219 16.67 -21.13 -11.56
N GLY B 220 18.00 -21.24 -11.65
CA GLY B 220 18.69 -21.12 -12.93
C GLY B 220 18.21 -19.95 -13.77
N LEU B 221 18.38 -18.78 -13.18
CA LEU B 221 17.82 -17.51 -13.66
C LEU B 221 18.32 -17.17 -15.07
N GLN B 222 17.41 -16.69 -15.92
CA GLN B 222 17.77 -16.24 -17.28
C GLN B 222 17.37 -14.79 -17.53
N SER B 223 18.06 -14.13 -18.47
CA SER B 223 17.78 -12.74 -18.85
C SER B 223 16.32 -12.44 -19.13
N GLU B 224 15.67 -13.35 -19.84
CA GLU B 224 14.23 -13.25 -20.13
C GLU B 224 13.32 -13.13 -18.90
N ASP B 225 13.81 -13.56 -17.73
CA ASP B 225 13.07 -13.41 -16.47
C ASP B 225 13.07 -12.00 -15.84
N GLU B 226 13.83 -11.06 -16.39
CA GLU B 226 13.76 -9.66 -15.93
C GLU B 226 12.33 -9.11 -16.16
N ALA B 227 11.65 -8.80 -15.05
CA ALA B 227 10.20 -8.57 -15.07
C ALA B 227 9.69 -8.17 -13.69
N ASP B 228 8.39 -7.81 -13.65
CA ASP B 228 7.68 -7.51 -12.43
C ASP B 228 6.79 -8.67 -12.05
N TYR B 229 6.91 -9.12 -10.80
CA TYR B 229 6.18 -10.29 -10.31
C TYR B 229 5.21 -9.88 -9.23
N TYR B 230 3.96 -10.30 -9.39
CA TYR B 230 2.88 -10.01 -8.49
C TYR B 230 2.30 -11.32 -7.96
N CYS B 231 2.21 -11.47 -6.65
CA CYS B 231 1.35 -12.52 -6.06
C CYS B 231 -0.07 -11.97 -5.97
N ALA B 232 -1.04 -12.86 -5.82
CA ALA B 232 -2.41 -12.46 -5.62
C ALA B 232 -3.26 -13.57 -5.02
N ALA B 233 -4.32 -13.15 -4.34
CA ALA B 233 -5.26 -14.04 -3.71
C ALA B 233 -6.55 -13.31 -3.32
N TRP B 234 -7.62 -14.07 -3.22
CA TRP B 234 -8.88 -13.59 -2.73
C TRP B 234 -8.79 -13.35 -1.23
N ASP B 235 -9.54 -12.34 -0.76
CA ASP B 235 -9.63 -12.01 0.66
C ASP B 235 -11.08 -12.13 1.15
N ASP B 236 -11.30 -13.00 2.13
CA ASP B 236 -12.64 -13.24 2.67
C ASP B 236 -13.18 -12.08 3.50
N GLY B 237 -12.29 -11.35 4.17
CA GLY B 237 -12.69 -10.17 4.96
C GLY B 237 -13.15 -9.03 4.07
N LEU B 238 -12.30 -8.64 3.12
CA LEU B 238 -12.61 -7.58 2.17
C LEU B 238 -13.62 -8.00 1.13
N SER B 239 -13.70 -9.30 0.87
CA SER B 239 -14.55 -9.83 -0.20
C SER B 239 -14.04 -9.26 -1.53
N GLY B 240 -12.72 -9.32 -1.74
CA GLY B 240 -12.15 -8.92 -3.00
C GLY B 240 -10.81 -9.57 -3.31
N TYR B 241 -10.42 -9.47 -4.58
CA TYR B 241 -9.16 -10.03 -5.06
C TYR B 241 -8.05 -9.04 -4.87
N VAL B 242 -6.95 -9.50 -4.28
CA VAL B 242 -5.90 -8.61 -3.79
C VAL B 242 -4.59 -8.97 -4.44
N PHE B 243 -3.93 -7.97 -5.02
CA PHE B 243 -2.58 -8.13 -5.58
C PHE B 243 -1.52 -7.69 -4.60
N GLY B 244 -0.34 -8.29 -4.72
CA GLY B 244 0.82 -7.81 -3.98
C GLY B 244 1.33 -6.50 -4.58
N THR B 245 2.22 -5.84 -3.86
CA THR B 245 2.81 -4.58 -4.29
C THR B 245 3.77 -4.77 -5.47
N GLY B 246 4.15 -6.00 -5.76
CA GLY B 246 5.01 -6.30 -6.90
C GLY B 246 6.50 -6.20 -6.62
N THR B 247 7.26 -7.04 -7.32
CA THR B 247 8.70 -7.11 -7.17
C THR B 247 9.38 -6.97 -8.54
N LYS B 248 10.26 -5.97 -8.68
CA LYS B 248 11.06 -5.79 -9.88
C LYS B 248 12.24 -6.70 -9.75
N LEU B 249 12.34 -7.67 -10.66
CA LEU B 249 13.48 -8.57 -10.70
C LEU B 249 14.42 -8.12 -11.81
N THR B 250 15.65 -7.79 -11.42
CA THR B 250 16.71 -7.38 -12.34
C THR B 250 17.68 -8.53 -12.50
N VAL B 251 17.85 -8.99 -13.73
CA VAL B 251 18.88 -9.97 -14.06
C VAL B 251 20.12 -9.20 -14.41
N LEU B 252 21.11 -9.24 -13.52
CA LEU B 252 22.38 -8.56 -13.71
C LEU B 252 23.23 -9.39 -14.64
N ALA B 253 23.20 -9.00 -15.91
CA ALA B 253 24.32 -9.27 -16.78
C ALA B 253 25.44 -8.36 -16.24
N ALA B 254 26.66 -8.86 -16.11
CA ALA B 254 27.80 -8.11 -15.52
C ALA B 254 29.09 -8.71 -16.09
N SER B 255 30.29 -8.10 -15.98
CA SER B 255 30.60 -6.80 -15.40
C SER B 255 30.95 -5.78 -16.49
#